data_7PB5
#
_entry.id   7PB5
#
_cell.length_a   67.227
_cell.length_b   131.648
_cell.length_c   66.173
_cell.angle_alpha   90.000
_cell.angle_beta   90.000
_cell.angle_gamma   90.000
#
_symmetry.space_group_name_H-M   'P 21 21 2'
#
loop_
_entity.id
_entity.type
_entity.pdbx_description
1 polymer "5'-nucleotidase"
2 non-polymer 'ZINC ION'
3 non-polymer 'CALCIUM ION'
4 non-polymer GLYCEROL
5 non-polymer "URIDINE-5'-MONOPHOSPHATE"
6 water water
#
_entity_poly.entity_id   1
_entity_poly.type   'polypeptide(L)'
_entity_poly.pdbx_seq_one_letter_code
;MAHHHHHHVGTGSNDDDDKSPDPWELTILHTNDVHSRLEQTSEDSSKCVDASRCMGGVARLFTKVQQIRRAEPNVLLLDA
GDQYQGTIWFTVYKGAEVAHFMNALRYDAMALGNHEFDNGVEGLIEPLLKEAKFPILSANISASGPLASQISGLYLPYKV
LPVGDEVVGIVGYTSKETPFLSNPGTNLVFEDEITALQPEVDKLKTLNVNKIIALGHSGFEMDKLIAQKVRGVDVVVGGH
SNTFLYTGNPPSKEVPAGKYPFIVTSDDGRKVPVVQAYAFGKYLGYLKIEFDERGNVISSHGNPILLDSSIPEDPSIKAD
INKWRIKLDDYSTQELGKTIVYLDGSSQSCRFRECNMGNLICDAMINNNLRHADEMFWNHVSMCILNGGGIRSPIDERND
GTITWENLAAVLPFGGTFDLVQLKGSTLKKAFEHSVHRYGQSTGEFLQVGGIHVVYDLSRKPGDRVVKLDVLCTSCRVPS
YDPLKMDEVYKVILPNFLANGGDGFQMIKDELLRHDSGDQDINVVSTYISKMKVIYPAVEGRIKFS
;
_entity_poly.pdbx_strand_id   A
#
loop_
_chem_comp.id
_chem_comp.type
_chem_comp.name
_chem_comp.formula
CA non-polymer 'CALCIUM ION' 'Ca 2'
GOL non-polymer GLYCEROL 'C3 H8 O3'
U5P non-polymer URIDINE-5'-MONOPHOSPHATE 'C9 H13 N2 O9 P'
ZN non-polymer 'ZINC ION' 'Zn 2'
#
# COMPACT_ATOMS: atom_id res chain seq x y z
N PRO A 23 -19.04 6.60 33.14
CA PRO A 23 -18.04 6.37 32.06
C PRO A 23 -18.49 7.00 30.75
N TRP A 24 -17.53 7.58 30.09
CA TRP A 24 -17.72 8.28 28.81
C TRP A 24 -17.30 7.34 27.68
N GLU A 25 -18.23 7.04 26.78
CA GLU A 25 -18.00 6.01 25.75
C GLU A 25 -17.78 6.67 24.39
N LEU A 26 -16.69 6.29 23.80
CA LEU A 26 -16.30 6.74 22.44
C LEU A 26 -16.36 5.54 21.50
N THR A 27 -16.95 5.78 20.31
CA THR A 27 -16.91 4.83 19.20
C THR A 27 -15.89 5.36 18.19
N ILE A 28 -14.84 4.59 17.97
CA ILE A 28 -13.85 4.92 16.92
C ILE A 28 -14.13 4.04 15.70
N LEU A 29 -14.46 4.71 14.59
CA LEU A 29 -14.61 4.05 13.30
C LEU A 29 -13.33 4.32 12.54
N HIS A 30 -12.75 3.34 11.87
CA HIS A 30 -11.45 3.62 11.23
C HIS A 30 -11.24 2.77 9.99
N THR A 31 -10.59 3.43 9.04
CA THR A 31 -10.11 2.80 7.80
C THR A 31 -8.58 3.04 7.69
N ASN A 32 -7.96 2.21 6.87
CA ASN A 32 -6.51 2.35 6.57
C ASN A 32 -6.26 1.64 5.25
N ASP A 33 -5.28 2.14 4.51
CA ASP A 33 -4.83 1.46 3.27
C ASP A 33 -6.00 1.20 2.33
N VAL A 34 -6.88 2.17 2.24
CA VAL A 34 -8.01 2.07 1.28
C VAL A 34 -7.48 1.96 -0.13
N HIS A 35 -6.39 2.67 -0.45
CA HIS A 35 -5.70 2.47 -1.74
C HIS A 35 -6.68 2.54 -2.90
N SER A 36 -7.39 3.64 -2.97
CA SER A 36 -8.08 4.05 -4.21
CA SER A 36 -8.08 4.05 -4.21
C SER A 36 -9.24 3.08 -4.52
N ARG A 37 -9.72 2.34 -3.55
CA ARG A 37 -10.89 1.47 -3.78
C ARG A 37 -12.16 2.29 -3.55
N LEU A 38 -12.40 3.30 -4.40
CA LEU A 38 -13.59 4.18 -4.34
C LEU A 38 -14.83 3.35 -4.66
N GLU A 39 -14.72 2.47 -5.66
CA GLU A 39 -15.82 1.62 -6.05
C GLU A 39 -15.81 0.31 -5.25
N GLN A 40 -16.97 -0.28 -5.09
CA GLN A 40 -17.02 -1.64 -4.54
C GLN A 40 -16.16 -2.59 -5.38
N THR A 41 -15.73 -3.64 -4.73
CA THR A 41 -14.71 -4.60 -5.21
C THR A 41 -15.20 -6.04 -5.12
N SER A 42 -14.47 -6.93 -5.79
CA SER A 42 -14.60 -8.37 -5.56
C SER A 42 -14.16 -8.65 -4.11
N GLU A 43 -14.31 -9.89 -3.70
CA GLU A 43 -13.89 -10.34 -2.36
C GLU A 43 -12.38 -10.17 -2.19
N ASP A 44 -11.59 -10.26 -3.26
CA ASP A 44 -10.14 -10.13 -3.20
C ASP A 44 -9.70 -8.68 -3.47
N SER A 45 -10.65 -7.76 -3.51
CA SER A 45 -10.42 -6.30 -3.60
C SER A 45 -10.08 -5.86 -5.03
N SER A 46 -10.20 -6.77 -5.99
CA SER A 46 -10.01 -6.45 -7.42
C SER A 46 -11.36 -5.99 -7.98
N LYS A 47 -11.41 -5.79 -9.26
CA LYS A 47 -12.61 -5.23 -9.93
C LYS A 47 -13.85 -6.04 -9.55
N CYS A 48 -14.92 -5.34 -9.26
CA CYS A 48 -16.23 -5.96 -9.02
C CYS A 48 -16.78 -6.52 -10.33
N VAL A 49 -17.10 -7.81 -10.33
CA VAL A 49 -17.70 -8.51 -11.50
C VAL A 49 -19.14 -8.88 -11.20
N ASP A 50 -19.37 -9.59 -10.12
CA ASP A 50 -20.71 -10.06 -9.73
C ASP A 50 -21.22 -9.09 -8.67
N ALA A 51 -21.91 -8.01 -9.07
CA ALA A 51 -22.26 -6.90 -8.15
C ALA A 51 -22.96 -7.44 -6.89
N SER A 52 -23.80 -8.47 -7.05
CA SER A 52 -24.58 -9.07 -5.95
C SER A 52 -23.69 -9.60 -4.82
N ARG A 53 -22.40 -9.82 -5.05
CA ARG A 53 -21.44 -10.39 -4.08
C ARG A 53 -20.32 -9.37 -3.83
N CYS A 54 -20.40 -8.14 -4.37
CA CYS A 54 -19.27 -7.16 -4.18
C CYS A 54 -19.27 -6.53 -2.79
N MET A 55 -18.18 -5.85 -2.49
CA MET A 55 -17.87 -5.45 -1.10
C MET A 55 -17.22 -4.07 -1.09
N GLY A 56 -17.29 -3.39 0.06
CA GLY A 56 -16.57 -2.14 0.18
C GLY A 56 -17.08 -1.05 -0.76
N GLY A 57 -16.16 -0.14 -1.04
CA GLY A 57 -16.43 1.09 -1.73
C GLY A 57 -16.98 2.17 -0.84
N VAL A 58 -16.85 3.42 -1.24
CA VAL A 58 -17.21 4.56 -0.35
CA VAL A 58 -17.20 4.56 -0.37
C VAL A 58 -18.73 4.68 -0.23
N ALA A 59 -19.51 4.30 -1.25
CA ALA A 59 -20.97 4.42 -1.11
C ALA A 59 -21.51 3.52 -0.01
N ARG A 60 -21.00 2.29 0.06
CA ARG A 60 -21.40 1.35 1.14
C ARG A 60 -20.86 1.78 2.50
N LEU A 61 -19.62 2.28 2.52
CA LEU A 61 -19.04 2.79 3.77
C LEU A 61 -19.96 3.92 4.28
N PHE A 62 -20.39 4.81 3.40
CA PHE A 62 -21.25 5.92 3.82
C PHE A 62 -22.49 5.38 4.53
N THR A 63 -23.17 4.40 3.94
CA THR A 63 -24.36 3.81 4.54
C THR A 63 -24.05 3.37 5.99
N LYS A 64 -22.97 2.62 6.19
CA LYS A 64 -22.68 2.05 7.50
C LYS A 64 -22.28 3.13 8.51
N VAL A 65 -21.44 4.07 8.10
CA VAL A 65 -21.05 5.14 9.01
C VAL A 65 -22.31 5.93 9.41
N GLN A 66 -23.18 6.24 8.47
CA GLN A 66 -24.37 7.01 8.76
C GLN A 66 -25.24 6.25 9.80
N GLN A 67 -25.40 4.95 9.60
CA GLN A 67 -26.17 4.12 10.55
CA GLN A 67 -26.17 4.13 10.54
C GLN A 67 -25.56 4.20 11.95
N ILE A 68 -24.27 4.04 12.06
CA ILE A 68 -23.61 4.09 13.38
C ILE A 68 -23.77 5.45 14.01
N ARG A 69 -23.61 6.52 13.27
CA ARG A 69 -23.76 7.87 13.79
C ARG A 69 -25.19 8.13 14.27
N ARG A 70 -26.19 7.46 13.72
CA ARG A 70 -27.57 7.60 14.25
C ARG A 70 -27.64 7.00 15.66
N ALA A 71 -26.94 5.90 15.89
CA ALA A 71 -27.04 5.03 17.08
C ALA A 71 -26.13 5.46 18.24
N GLU A 72 -24.94 6.00 17.98
CA GLU A 72 -23.89 6.18 19.01
C GLU A 72 -23.66 7.66 19.15
N PRO A 73 -23.66 8.21 20.37
CA PRO A 73 -23.52 9.66 20.53
C PRO A 73 -22.14 10.23 20.20
N ASN A 74 -21.09 9.48 20.58
CA ASN A 74 -19.70 10.00 20.51
C ASN A 74 -18.93 9.18 19.49
N VAL A 75 -18.79 9.68 18.29
CA VAL A 75 -18.18 8.93 17.19
C VAL A 75 -17.06 9.74 16.55
N LEU A 76 -15.94 9.10 16.31
CA LEU A 76 -14.91 9.66 15.44
C LEU A 76 -14.73 8.68 14.29
N LEU A 77 -14.55 9.24 13.09
CA LEU A 77 -14.20 8.49 11.86
C LEU A 77 -12.80 8.90 11.47
N LEU A 78 -11.88 7.96 11.55
CA LEU A 78 -10.46 8.21 11.35
C LEU A 78 -9.93 7.38 10.20
N ASP A 79 -8.92 7.94 9.50
CA ASP A 79 -8.20 7.18 8.46
C ASP A 79 -6.71 7.17 8.80
N ALA A 80 -6.09 6.00 8.77
CA ALA A 80 -4.68 5.88 9.15
C ALA A 80 -3.72 5.91 7.94
N GLY A 81 -4.17 6.52 6.85
CA GLY A 81 -3.30 6.80 5.71
C GLY A 81 -3.40 5.80 4.55
N ASP A 82 -2.74 6.17 3.45
CA ASP A 82 -2.71 5.33 2.26
C ASP A 82 -4.11 5.23 1.60
N GLN A 83 -4.75 6.38 1.48
CA GLN A 83 -5.86 6.53 0.53
C GLN A 83 -5.29 6.61 -0.91
N TYR A 84 -4.17 7.32 -1.07
CA TYR A 84 -3.51 7.44 -2.39
C TYR A 84 -3.05 6.05 -2.82
N GLN A 85 -3.06 5.89 -4.17
CA GLN A 85 -2.46 4.82 -4.98
C GLN A 85 -3.28 3.52 -4.94
N GLY A 86 -3.65 2.98 -6.10
CA GLY A 86 -4.21 1.64 -6.15
C GLY A 86 -5.10 1.31 -7.33
N THR A 87 -5.74 2.32 -7.93
CA THR A 87 -6.62 2.12 -9.10
C THR A 87 -6.49 3.32 -10.01
N ILE A 88 -7.15 3.17 -11.16
CA ILE A 88 -7.26 4.24 -12.16
C ILE A 88 -7.85 5.52 -11.54
N TRP A 89 -8.65 5.44 -10.48
CA TRP A 89 -9.13 6.68 -9.79
C TRP A 89 -7.95 7.59 -9.46
N PHE A 90 -6.93 7.03 -8.83
CA PHE A 90 -5.75 7.80 -8.42
C PHE A 90 -4.98 8.27 -9.64
N THR A 91 -4.84 7.40 -10.62
CA THR A 91 -4.13 7.80 -11.87
C THR A 91 -4.70 9.07 -12.46
N VAL A 92 -6.02 9.14 -12.53
CA VAL A 92 -6.70 10.25 -13.22
C VAL A 92 -6.89 11.43 -12.29
N TYR A 93 -7.37 11.18 -11.10
CA TYR A 93 -7.82 12.28 -10.22
C TYR A 93 -6.74 12.71 -9.22
N LYS A 94 -5.71 11.91 -9.02
CA LYS A 94 -4.45 12.34 -8.35
C LYS A 94 -4.67 12.84 -6.93
N GLY A 95 -5.67 12.31 -6.26
CA GLY A 95 -5.99 12.71 -4.88
C GLY A 95 -7.19 13.62 -4.76
N ALA A 96 -7.67 14.22 -5.83
CA ALA A 96 -8.90 15.04 -5.75
C ALA A 96 -10.07 14.14 -5.34
N GLU A 97 -10.09 12.90 -5.76
CA GLU A 97 -11.15 11.95 -5.41
C GLU A 97 -11.09 11.63 -3.91
N VAL A 98 -9.87 11.61 -3.37
CA VAL A 98 -9.68 11.35 -1.92
C VAL A 98 -10.27 12.49 -1.11
N ALA A 99 -9.90 13.71 -1.42
CA ALA A 99 -10.44 14.85 -0.67
C ALA A 99 -11.97 14.87 -0.85
N HIS A 100 -12.46 14.70 -2.08
CA HIS A 100 -13.89 14.82 -2.35
C HIS A 100 -14.70 13.80 -1.52
N PHE A 101 -14.33 12.55 -1.66
CA PHE A 101 -15.14 11.47 -1.05
C PHE A 101 -14.85 11.31 0.44
N MET A 102 -13.66 11.61 0.91
CA MET A 102 -13.47 11.68 2.39
C MET A 102 -14.23 12.86 3.00
N ASN A 103 -14.31 13.97 2.28
CA ASN A 103 -15.14 15.10 2.76
C ASN A 103 -16.59 14.70 2.79
N ALA A 104 -17.06 13.96 1.80
CA ALA A 104 -18.49 13.52 1.75
C ALA A 104 -18.81 12.58 2.90
N LEU A 105 -17.84 11.78 3.31
CA LEU A 105 -18.03 10.83 4.43
C LEU A 105 -17.82 11.54 5.77
N ARG A 106 -17.39 12.79 5.75
CA ARG A 106 -17.15 13.58 6.99
C ARG A 106 -16.16 12.84 7.91
N TYR A 107 -15.04 12.42 7.34
CA TYR A 107 -13.90 11.98 8.19
C TYR A 107 -13.57 13.08 9.18
N ASP A 108 -13.18 12.68 10.38
CA ASP A 108 -12.73 13.61 11.44
C ASP A 108 -11.24 13.90 11.43
N ALA A 109 -10.43 12.95 10.97
CA ALA A 109 -8.97 13.14 10.89
C ALA A 109 -8.37 12.03 10.03
N MET A 110 -7.20 12.34 9.48
CA MET A 110 -6.42 11.37 8.68
C MET A 110 -4.94 11.54 9.03
N ALA A 111 -4.24 10.42 9.17
CA ALA A 111 -2.77 10.47 9.25
C ALA A 111 -2.22 10.29 7.85
N LEU A 112 -1.06 10.90 7.58
CA LEU A 112 -0.29 10.71 6.33
C LEU A 112 0.29 9.32 6.28
N GLY A 113 0.03 8.64 5.16
CA GLY A 113 0.69 7.37 4.87
C GLY A 113 1.87 7.54 3.92
N ASN A 114 2.62 6.49 3.67
CA ASN A 114 3.71 6.61 2.72
C ASN A 114 3.20 6.94 1.32
N HIS A 115 2.13 6.34 0.87
CA HIS A 115 1.69 6.57 -0.50
C HIS A 115 1.13 7.95 -0.72
N GLU A 116 0.80 8.71 0.35
CA GLU A 116 0.44 10.11 0.18
C GLU A 116 1.60 10.92 -0.44
N PHE A 117 2.81 10.39 -0.52
CA PHE A 117 3.96 11.08 -1.12
C PHE A 117 4.24 10.60 -2.53
N ASP A 118 3.39 9.79 -3.14
CA ASP A 118 3.73 9.14 -4.41
C ASP A 118 3.91 10.17 -5.52
N ASN A 119 3.15 11.26 -5.49
CA ASN A 119 3.29 12.35 -6.46
C ASN A 119 4.10 13.51 -5.91
N GLY A 120 5.00 13.22 -4.98
CA GLY A 120 5.81 14.23 -4.36
C GLY A 120 5.02 15.08 -3.40
N VAL A 121 5.73 15.97 -2.76
CA VAL A 121 5.11 16.94 -1.82
CA VAL A 121 5.05 16.85 -1.79
C VAL A 121 4.04 17.75 -2.56
N GLU A 122 4.36 18.15 -3.80
CA GLU A 122 3.43 19.02 -4.57
C GLU A 122 2.10 18.27 -4.75
N GLY A 123 2.16 16.98 -5.01
CA GLY A 123 0.97 16.14 -5.25
C GLY A 123 0.22 15.77 -3.99
N LEU A 124 0.75 16.15 -2.84
CA LEU A 124 0.09 16.02 -1.53
C LEU A 124 -0.55 17.35 -1.14
N ILE A 125 0.21 18.44 -1.24
CA ILE A 125 -0.29 19.78 -0.88
C ILE A 125 -1.54 20.09 -1.73
N GLU A 126 -1.51 19.99 -3.05
N GLU A 126 -1.38 19.87 -3.04
CA GLU A 126 -2.54 20.69 -3.90
CA GLU A 126 -2.43 20.01 -4.05
C GLU A 126 -3.85 19.91 -3.89
C GLU A 126 -2.68 18.66 -4.73
N PRO A 127 -3.91 18.59 -4.18
N PRO A 127 -3.78 17.94 -4.37
CA PRO A 127 -5.18 17.93 -4.22
CA PRO A 127 -5.08 18.52 -3.99
C PRO A 127 -5.68 17.57 -2.83
C PRO A 127 -5.36 18.32 -2.49
N LEU A 128 -4.80 17.30 -1.86
CA LEU A 128 -5.31 16.80 -0.56
C LEU A 128 -5.22 17.79 0.58
N LEU A 129 -4.03 18.30 0.87
CA LEU A 129 -3.93 19.15 2.09
C LEU A 129 -4.80 20.39 1.91
N LYS A 130 -4.81 20.95 0.71
CA LYS A 130 -5.57 22.20 0.53
C LYS A 130 -7.09 21.97 0.43
N GLU A 131 -7.55 20.75 0.17
CA GLU A 131 -8.99 20.53 -0.12
C GLU A 131 -9.70 19.71 0.98
N ALA A 132 -8.96 19.04 1.83
CA ALA A 132 -9.56 18.30 2.93
C ALA A 132 -10.26 19.25 3.86
N LYS A 133 -11.42 18.84 4.38
CA LYS A 133 -12.14 19.61 5.40
C LYS A 133 -11.89 19.07 6.80
N PHE A 134 -10.95 18.19 6.95
CA PHE A 134 -10.54 17.56 8.22
C PHE A 134 -9.04 17.72 8.34
N PRO A 135 -8.54 17.68 9.58
CA PRO A 135 -7.11 17.76 9.78
C PRO A 135 -6.37 16.53 9.31
N ILE A 136 -5.21 16.78 8.74
CA ILE A 136 -4.26 15.76 8.27
C ILE A 136 -3.01 15.83 9.12
N LEU A 137 -2.66 14.69 9.67
CA LEU A 137 -1.73 14.63 10.82
C LEU A 137 -0.47 13.81 10.55
N SER A 138 0.64 14.35 11.05
CA SER A 138 1.88 13.57 11.22
C SER A 138 2.82 14.36 12.12
N ALA A 139 3.20 13.78 13.23
CA ALA A 139 4.05 14.47 14.23
C ALA A 139 5.54 14.25 13.92
N ASN A 140 5.92 13.34 13.01
CA ASN A 140 7.33 12.95 12.83
C ASN A 140 7.87 13.33 11.43
N ILE A 141 7.22 14.26 10.78
CA ILE A 141 7.69 14.80 9.47
C ILE A 141 8.05 16.27 9.67
N SER A 142 9.27 16.62 9.34
CA SER A 142 9.73 18.04 9.40
C SER A 142 10.22 18.49 8.04
N ALA A 143 10.05 19.76 7.75
CA ALA A 143 10.45 20.36 6.47
C ALA A 143 11.51 21.41 6.78
N SER A 144 12.32 21.67 5.77
CA SER A 144 13.38 22.68 5.83
C SER A 144 13.28 23.57 4.60
N GLY A 145 14.05 24.66 4.62
CA GLY A 145 14.09 25.57 3.46
C GLY A 145 12.72 26.14 3.13
N PRO A 146 12.53 26.67 1.91
CA PRO A 146 11.29 27.30 1.52
C PRO A 146 10.11 26.34 1.67
N LEU A 147 10.33 25.03 1.52
CA LEU A 147 9.18 24.08 1.71
C LEU A 147 8.59 24.28 3.09
N ALA A 148 9.42 24.54 4.11
CA ALA A 148 8.84 24.62 5.48
C ALA A 148 7.78 25.73 5.54
N SER A 149 8.05 26.87 4.93
CA SER A 149 7.07 27.98 4.93
C SER A 149 5.88 27.63 4.05
N GLN A 150 6.11 26.95 2.93
CA GLN A 150 5.01 26.60 2.00
C GLN A 150 4.03 25.65 2.68
N ILE A 151 4.51 24.70 3.49
CA ILE A 151 3.63 23.61 4.00
C ILE A 151 3.19 23.87 5.42
N SER A 152 3.71 24.92 6.06
CA SER A 152 3.47 25.16 7.49
C SER A 152 1.95 25.15 7.78
N GLY A 153 1.52 24.30 8.70
CA GLY A 153 0.11 24.26 9.11
C GLY A 153 -0.77 23.43 8.22
N LEU A 154 -0.30 22.98 7.07
CA LEU A 154 -1.17 22.24 6.16
C LEU A 154 -1.29 20.79 6.59
N TYR A 155 -0.33 20.28 7.33
CA TYR A 155 -0.50 19.08 8.16
C TYR A 155 0.00 19.49 9.56
N LEU A 156 -0.48 18.73 10.54
CA LEU A 156 -0.28 19.07 11.95
C LEU A 156 0.27 17.88 12.70
N PRO A 157 0.97 18.11 13.81
CA PRO A 157 1.39 16.96 14.61
C PRO A 157 0.21 16.28 15.26
N TYR A 158 -0.80 17.05 15.65
CA TYR A 158 -1.97 16.55 16.37
C TYR A 158 -3.09 17.55 16.16
N LYS A 159 -4.31 17.12 16.48
CA LYS A 159 -5.47 18.03 16.60
C LYS A 159 -6.26 17.60 17.79
N VAL A 160 -6.73 18.58 18.54
CA VAL A 160 -7.68 18.33 19.64
C VAL A 160 -9.09 18.55 19.10
N LEU A 161 -9.92 17.51 19.15
CA LEU A 161 -11.26 17.56 18.58
C LEU A 161 -12.31 17.56 19.67
N PRO A 162 -13.33 18.40 19.55
CA PRO A 162 -14.49 18.27 20.42
C PRO A 162 -15.31 17.05 20.01
N VAL A 163 -15.72 16.29 21.02
CA VAL A 163 -16.61 15.12 20.84
C VAL A 163 -17.65 15.21 21.95
N GLY A 164 -18.88 15.51 21.59
CA GLY A 164 -19.91 15.81 22.60
C GLY A 164 -19.39 16.91 23.50
N ASP A 165 -19.43 16.75 24.82
CA ASP A 165 -18.98 17.79 25.79
C ASP A 165 -17.51 17.58 26.17
N GLU A 166 -16.82 16.65 25.51
CA GLU A 166 -15.40 16.33 25.85
C GLU A 166 -14.50 16.75 24.69
N VAL A 167 -13.21 16.52 24.86
CA VAL A 167 -12.21 16.68 23.79
C VAL A 167 -11.40 15.41 23.74
N VAL A 168 -10.90 15.12 22.55
CA VAL A 168 -10.00 13.99 22.31
C VAL A 168 -8.83 14.51 21.46
N GLY A 169 -7.62 14.25 21.92
CA GLY A 169 -6.41 14.54 21.14
C GLY A 169 -6.11 13.41 20.19
N ILE A 170 -5.82 13.77 18.95
CA ILE A 170 -5.36 12.77 17.96
CA ILE A 170 -5.41 12.81 17.89
C ILE A 170 -4.00 13.18 17.46
N VAL A 171 -3.01 12.29 17.65
N VAL A 171 -3.02 12.31 17.70
CA VAL A 171 -1.59 12.56 17.33
CA VAL A 171 -1.61 12.60 17.32
C VAL A 171 -1.16 11.63 16.19
C VAL A 171 -1.25 11.66 16.15
N GLY A 172 -0.66 12.19 15.09
CA GLY A 172 -0.32 11.42 13.91
C GLY A 172 1.09 10.98 13.84
N TYR A 173 1.33 9.97 13.01
CA TYR A 173 2.71 9.51 12.67
C TYR A 173 2.71 8.82 11.31
N THR A 174 3.89 8.81 10.70
CA THR A 174 4.10 8.25 9.35
C THR A 174 5.37 7.43 9.32
N SER A 175 5.36 6.33 8.57
CA SER A 175 6.54 5.46 8.50
C SER A 175 7.84 6.23 8.27
N LYS A 176 8.82 5.97 9.14
CA LYS A 176 10.19 6.50 8.99
C LYS A 176 10.81 6.02 7.68
N GLU A 177 10.26 4.94 7.11
CA GLU A 177 10.79 4.33 5.87
C GLU A 177 10.19 4.97 4.61
N THR A 178 9.36 5.97 4.75
CA THR A 178 8.69 6.57 3.58
C THR A 178 9.67 6.95 2.47
N PRO A 179 10.87 7.47 2.73
CA PRO A 179 11.76 7.81 1.62
C PRO A 179 12.12 6.63 0.69
N PHE A 180 12.05 5.39 1.21
CA PHE A 180 12.34 4.18 0.42
C PHE A 180 11.08 3.63 -0.23
N LEU A 181 9.90 4.15 0.12
CA LEU A 181 8.61 3.53 -0.27
C LEU A 181 7.71 4.49 -1.02
N SER A 182 8.19 5.68 -1.34
CA SER A 182 7.44 6.75 -2.00
C SER A 182 8.42 7.84 -2.43
N ASN A 183 7.89 8.99 -2.83
CA ASN A 183 8.66 10.08 -3.46
C ASN A 183 8.55 11.38 -2.68
N PRO A 184 8.88 11.40 -1.36
CA PRO A 184 8.71 12.62 -0.58
C PRO A 184 9.68 13.75 -0.91
N GLY A 185 10.79 13.44 -1.58
CA GLY A 185 11.79 14.46 -1.91
C GLY A 185 12.83 14.62 -0.81
N THR A 186 13.73 15.54 -1.01
CA THR A 186 14.95 15.63 -0.15
C THR A 186 14.83 16.74 0.88
N ASN A 187 13.72 17.37 0.97
N ASN A 187 13.66 17.42 0.95
CA ASN A 187 13.64 18.34 2.07
CA ASN A 187 13.34 18.58 1.87
C ASN A 187 13.14 17.61 3.33
C ASN A 187 12.37 18.19 3.04
N LEU A 188 12.04 16.91 3.15
CA LEU A 188 11.32 16.37 4.33
C LEU A 188 12.19 15.35 5.04
N VAL A 189 12.13 15.38 6.38
CA VAL A 189 12.82 14.39 7.23
C VAL A 189 11.77 13.63 8.02
N PHE A 190 11.87 12.33 7.98
CA PHE A 190 10.98 11.42 8.72
C PHE A 190 11.75 10.95 9.96
N GLU A 191 11.34 11.45 11.11
CA GLU A 191 11.96 11.17 12.40
C GLU A 191 11.45 9.85 12.96
N ASP A 192 12.21 9.25 13.83
CA ASP A 192 11.73 8.11 14.61
C ASP A 192 10.38 8.45 15.26
N GLU A 193 9.43 7.54 15.10
CA GLU A 193 8.03 7.80 15.53
C GLU A 193 7.94 8.04 17.04
N ILE A 194 8.52 7.14 17.85
CA ILE A 194 8.35 7.24 19.32
C ILE A 194 9.04 8.51 19.81
N THR A 195 10.22 8.82 19.26
CA THR A 195 10.99 10.05 19.63
C THR A 195 10.13 11.30 19.40
N ALA A 196 9.45 11.36 18.26
CA ALA A 196 8.63 12.52 17.86
C ALA A 196 7.33 12.58 18.68
N LEU A 197 6.71 11.42 18.91
CA LEU A 197 5.39 11.38 19.50
C LEU A 197 5.43 11.77 20.97
N GLN A 198 6.40 11.30 21.75
CA GLN A 198 6.34 11.45 23.19
C GLN A 198 6.16 12.92 23.60
N PRO A 199 6.98 13.87 23.09
CA PRO A 199 6.84 15.23 23.59
C PRO A 199 5.48 15.84 23.21
N GLU A 200 4.87 15.44 22.09
CA GLU A 200 3.54 15.95 21.71
C GLU A 200 2.49 15.42 22.69
N VAL A 201 2.58 14.15 23.04
CA VAL A 201 1.62 13.52 23.97
C VAL A 201 1.80 14.19 25.35
N ASP A 202 3.05 14.46 25.72
N ASP A 202 3.03 14.44 25.79
CA ASP A 202 3.39 15.19 26.97
CA ASP A 202 3.16 15.14 27.10
C ASP A 202 2.76 16.57 26.96
C ASP A 202 2.63 16.58 26.94
N LYS A 203 2.86 17.26 25.83
CA LYS A 203 2.30 18.61 25.69
C LYS A 203 0.78 18.54 25.87
N LEU A 204 0.12 17.59 25.22
CA LEU A 204 -1.35 17.51 25.37
C LEU A 204 -1.75 17.29 26.83
N LYS A 205 -0.99 16.52 27.59
CA LYS A 205 -1.27 16.37 29.02
C LYS A 205 -1.23 17.73 29.74
N THR A 206 -0.25 18.58 29.40
CA THR A 206 -0.09 19.91 30.03
C THR A 206 -1.26 20.80 29.63
N LEU A 207 -1.92 20.51 28.52
CA LEU A 207 -3.07 21.31 28.08
C LEU A 207 -4.40 20.67 28.49
N ASN A 208 -4.40 19.77 29.47
CA ASN A 208 -5.64 19.16 30.04
C ASN A 208 -6.38 18.32 28.98
N VAL A 209 -5.62 17.67 28.12
CA VAL A 209 -6.19 16.70 27.15
C VAL A 209 -5.78 15.32 27.66
N ASN A 210 -6.72 14.55 28.21
CA ASN A 210 -6.49 13.28 28.93
C ASN A 210 -6.98 12.07 28.15
N LYS A 211 -7.54 12.25 26.98
CA LYS A 211 -7.93 11.16 26.07
C LYS A 211 -7.16 11.36 24.77
N ILE A 212 -6.28 10.43 24.46
CA ILE A 212 -5.31 10.59 23.36
C ILE A 212 -5.35 9.33 22.50
N ILE A 213 -5.54 9.54 21.21
CA ILE A 213 -5.45 8.50 20.17
C ILE A 213 -4.20 8.76 19.35
N ALA A 214 -3.37 7.74 19.19
CA ALA A 214 -2.27 7.81 18.22
C ALA A 214 -2.80 7.18 16.93
N LEU A 215 -2.82 7.97 15.87
CA LEU A 215 -3.36 7.55 14.55
C LEU A 215 -2.18 7.62 13.57
N GLY A 216 -1.79 6.51 12.98
CA GLY A 216 -0.61 6.65 12.11
C GLY A 216 -0.32 5.43 11.29
N HIS A 217 0.77 5.56 10.54
CA HIS A 217 0.99 4.74 9.34
C HIS A 217 2.41 4.21 9.29
N SER A 218 2.72 3.26 10.18
CA SER A 218 4.05 2.65 10.27
C SER A 218 4.03 1.13 10.31
N GLY A 219 2.88 0.52 10.40
CA GLY A 219 2.77 -0.92 10.49
C GLY A 219 2.50 -1.44 11.88
N PHE A 220 1.88 -2.58 11.95
CA PHE A 220 1.45 -3.21 13.21
C PHE A 220 2.61 -3.37 14.24
N GLU A 221 3.80 -3.73 13.79
CA GLU A 221 4.90 -3.91 14.73
C GLU A 221 5.24 -2.58 15.38
N MET A 222 5.34 -1.53 14.62
CA MET A 222 5.65 -0.20 15.23
C MET A 222 4.45 0.28 16.04
N ASP A 223 3.22 -0.03 15.63
CA ASP A 223 2.04 0.36 16.42
C ASP A 223 2.11 -0.24 17.82
N LYS A 224 2.55 -1.50 17.90
CA LYS A 224 2.66 -2.14 19.23
C LYS A 224 3.76 -1.47 20.06
N LEU A 225 4.85 -1.08 19.45
CA LEU A 225 5.96 -0.39 20.15
C LEU A 225 5.45 0.97 20.63
N ILE A 226 4.69 1.67 19.82
CA ILE A 226 4.10 2.97 20.25
C ILE A 226 3.18 2.77 21.46
N ALA A 227 2.31 1.78 21.38
CA ALA A 227 1.43 1.49 22.50
C ALA A 227 2.22 1.21 23.78
N GLN A 228 3.30 0.48 23.64
CA GLN A 228 4.12 0.08 24.78
C GLN A 228 4.83 1.32 25.37
N LYS A 229 5.40 2.15 24.52
CA LYS A 229 6.47 3.08 24.94
C LYS A 229 6.01 4.52 25.07
N VAL A 230 5.00 4.93 24.31
CA VAL A 230 4.58 6.36 24.37
C VAL A 230 3.58 6.54 25.50
N ARG A 231 4.10 7.08 26.57
CA ARG A 231 3.30 7.23 27.78
C ARG A 231 2.20 8.24 27.54
N GLY A 232 0.96 7.87 27.88
CA GLY A 232 -0.23 8.74 27.72
C GLY A 232 -1.06 8.42 26.48
N VAL A 233 -0.56 7.57 25.60
CA VAL A 233 -1.40 7.12 24.47
C VAL A 233 -2.45 6.14 25.00
N ASP A 234 -3.73 6.38 24.72
CA ASP A 234 -4.79 5.52 25.22
C ASP A 234 -5.17 4.39 24.22
N VAL A 235 -5.02 4.67 22.94
CA VAL A 235 -5.48 3.82 21.81
CA VAL A 235 -5.38 3.72 21.87
C VAL A 235 -4.48 4.03 20.69
N VAL A 236 -4.11 3.00 19.95
CA VAL A 236 -3.35 3.17 18.68
C VAL A 236 -4.23 2.65 17.55
N VAL A 237 -4.39 3.49 16.54
CA VAL A 237 -5.12 3.19 15.31
C VAL A 237 -4.09 3.25 14.16
N GLY A 238 -3.79 2.08 13.61
CA GLY A 238 -2.69 1.94 12.67
C GLY A 238 -3.08 1.49 11.28
N GLY A 239 -2.03 1.20 10.51
CA GLY A 239 -2.13 0.89 9.11
C GLY A 239 -0.81 0.39 8.54
N HIS A 240 -0.69 0.49 7.21
CA HIS A 240 0.52 0.24 6.41
C HIS A 240 0.71 -1.24 6.14
N SER A 241 0.62 -2.10 7.16
CA SER A 241 0.85 -3.55 7.06
C SER A 241 -0.38 -4.34 6.65
N ASN A 242 -1.50 -3.66 6.41
N ASN A 242 -1.48 -3.65 6.36
CA ASN A 242 -2.74 -4.35 5.96
CA ASN A 242 -2.72 -4.33 5.89
C ASN A 242 -3.17 -5.42 6.95
C ASN A 242 -3.12 -5.41 6.92
N THR A 243 -3.00 -5.11 8.21
CA THR A 243 -3.18 -6.10 9.27
C THR A 243 -4.66 -6.30 9.54
N PHE A 244 -5.08 -7.56 9.49
CA PHE A 244 -6.44 -7.91 9.88
C PHE A 244 -6.39 -8.53 11.29
N LEU A 245 -7.17 -7.89 12.16
CA LEU A 245 -7.36 -8.32 13.57
C LEU A 245 -8.83 -8.66 13.74
N TYR A 246 -9.12 -9.69 14.54
CA TYR A 246 -10.54 -10.07 14.76
C TYR A 246 -10.64 -10.85 16.06
N THR A 247 -11.76 -10.65 16.75
CA THR A 247 -12.11 -11.44 17.95
C THR A 247 -13.31 -12.29 17.59
N GLY A 248 -13.07 -13.58 17.41
CA GLY A 248 -14.11 -14.50 17.04
C GLY A 248 -13.83 -15.22 15.77
N ASN A 249 -14.86 -15.88 15.30
N ASN A 249 -14.88 -15.84 15.21
CA ASN A 249 -14.77 -16.57 14.00
CA ASN A 249 -14.72 -16.44 13.86
C ASN A 249 -14.75 -15.46 12.93
C ASN A 249 -14.78 -15.36 12.84
N PRO A 250 -13.78 -15.36 11.97
CA PRO A 250 -13.71 -14.27 11.02
C PRO A 250 -14.81 -14.38 9.97
N PRO A 251 -15.19 -13.22 9.41
CA PRO A 251 -16.38 -13.17 8.56
C PRO A 251 -16.14 -13.43 7.08
N SER A 252 -14.87 -13.42 6.64
CA SER A 252 -14.50 -13.57 5.22
C SER A 252 -13.22 -14.43 5.12
N LYS A 253 -12.43 -14.22 4.05
CA LYS A 253 -11.22 -15.03 3.71
C LYS A 253 -9.98 -14.56 4.52
N GLU A 254 -9.98 -13.34 5.03
CA GLU A 254 -8.78 -12.84 5.71
C GLU A 254 -8.62 -13.57 7.04
N VAL A 255 -7.38 -13.97 7.29
CA VAL A 255 -7.00 -14.74 8.48
C VAL A 255 -6.41 -13.77 9.49
N PRO A 256 -7.00 -13.65 10.69
CA PRO A 256 -6.52 -12.69 11.65
C PRO A 256 -5.08 -12.93 12.14
N ALA A 257 -4.38 -11.82 12.35
CA ALA A 257 -3.02 -11.84 12.90
C ALA A 257 -3.07 -11.82 14.43
N GLY A 258 -4.25 -11.54 14.99
CA GLY A 258 -4.45 -11.46 16.42
C GLY A 258 -5.84 -11.00 16.74
N LYS A 259 -6.14 -10.83 18.00
CA LYS A 259 -7.44 -10.32 18.47
C LYS A 259 -7.62 -8.84 18.12
N TYR A 260 -8.89 -8.45 18.02
CA TYR A 260 -9.29 -7.05 17.89
C TYR A 260 -10.04 -6.59 19.12
N PRO A 261 -9.57 -5.58 19.86
CA PRO A 261 -8.26 -4.96 19.70
C PRO A 261 -7.16 -5.90 20.15
N PHE A 262 -5.94 -5.56 19.72
CA PHE A 262 -4.72 -6.26 20.21
C PHE A 262 -4.23 -5.50 21.43
N ILE A 263 -4.21 -6.13 22.59
CA ILE A 263 -3.85 -5.41 23.82
C ILE A 263 -2.35 -5.48 24.09
N VAL A 264 -1.79 -4.31 24.22
CA VAL A 264 -0.37 -4.12 24.60
C VAL A 264 -0.33 -3.68 26.05
N THR A 265 0.56 -4.29 26.86
CA THR A 265 0.82 -3.81 28.23
C THR A 265 1.89 -2.74 28.15
N SER A 266 1.52 -1.51 28.46
CA SER A 266 2.44 -0.38 28.34
C SER A 266 3.49 -0.38 29.46
N ASP A 267 4.58 0.32 29.22
CA ASP A 267 5.62 0.48 30.25
C ASP A 267 5.06 1.12 31.50
N ASP A 268 4.05 1.98 31.40
CA ASP A 268 3.41 2.55 32.61
C ASP A 268 2.40 1.58 33.27
N GLY A 269 2.22 0.36 32.79
CA GLY A 269 1.33 -0.66 33.37
C GLY A 269 -0.10 -0.69 32.88
N ARG A 270 -0.46 0.19 31.93
CA ARG A 270 -1.82 0.29 31.36
C ARG A 270 -2.01 -0.75 30.25
N LYS A 271 -3.25 -1.10 29.99
CA LYS A 271 -3.59 -1.88 28.79
C LYS A 271 -3.96 -0.92 27.68
N VAL A 272 -3.28 -1.04 26.57
CA VAL A 272 -3.43 -0.11 25.45
C VAL A 272 -3.93 -0.91 24.24
N PRO A 273 -5.14 -0.67 23.76
CA PRO A 273 -5.64 -1.34 22.55
C PRO A 273 -4.97 -0.77 21.31
N VAL A 274 -4.66 -1.73 20.44
CA VAL A 274 -4.08 -1.48 19.11
C VAL A 274 -5.04 -2.04 18.07
N VAL A 275 -5.43 -1.23 17.10
CA VAL A 275 -6.35 -1.70 16.04
C VAL A 275 -5.80 -1.34 14.67
N GLN A 276 -6.26 -2.12 13.72
CA GLN A 276 -6.05 -1.93 12.25
C GLN A 276 -7.25 -2.59 11.60
N ALA A 277 -7.48 -2.33 10.33
CA ALA A 277 -8.69 -2.82 9.64
C ALA A 277 -8.36 -3.27 8.22
N TYR A 278 -7.34 -4.15 8.09
CA TYR A 278 -7.00 -4.76 6.77
C TYR A 278 -6.64 -3.66 5.77
N ALA A 279 -7.31 -3.62 4.64
CA ALA A 279 -7.00 -2.68 3.55
C ALA A 279 -8.16 -2.64 2.57
N PHE A 280 -8.09 -1.73 1.63
CA PHE A 280 -8.94 -1.77 0.40
C PHE A 280 -10.38 -1.44 0.70
N GLY A 281 -10.70 -0.86 1.83
CA GLY A 281 -12.07 -0.50 2.18
C GLY A 281 -13.02 -1.67 2.33
N LYS A 282 -12.49 -2.88 2.51
CA LYS A 282 -13.35 -4.07 2.68
C LYS A 282 -14.07 -4.08 4.02
N TYR A 283 -13.41 -3.54 5.04
CA TYR A 283 -13.91 -3.53 6.41
C TYR A 283 -13.92 -2.09 6.93
N LEU A 284 -14.89 -1.83 7.82
CA LEU A 284 -14.87 -0.64 8.67
C LEU A 284 -14.43 -1.05 10.06
N GLY A 285 -13.31 -0.58 10.55
CA GLY A 285 -12.93 -0.79 11.94
C GLY A 285 -13.93 -0.13 12.85
N TYR A 286 -14.19 -0.77 13.99
CA TYR A 286 -15.20 -0.33 14.97
C TYR A 286 -14.70 -0.72 16.36
N LEU A 287 -14.32 0.29 17.15
CA LEU A 287 -13.80 0.05 18.52
C LEU A 287 -14.56 0.96 19.46
N LYS A 288 -15.16 0.36 20.48
CA LYS A 288 -15.83 1.11 21.55
C LYS A 288 -14.89 1.17 22.76
N ILE A 289 -14.67 2.38 23.24
CA ILE A 289 -13.77 2.64 24.40
CA ILE A 289 -13.78 2.58 24.42
C ILE A 289 -14.59 3.27 25.50
N GLU A 290 -14.50 2.73 26.71
CA GLU A 290 -15.03 3.45 27.88
C GLU A 290 -13.86 4.12 28.62
N PHE A 291 -14.02 5.41 28.90
CA PHE A 291 -13.05 6.20 29.67
C PHE A 291 -13.64 6.64 31.00
N ASP A 292 -12.77 6.66 32.00
CA ASP A 292 -13.13 7.29 33.30
C ASP A 292 -12.94 8.81 33.16
N GLU A 293 -13.23 9.53 34.25
CA GLU A 293 -13.21 11.02 34.32
C GLU A 293 -11.78 11.54 34.10
N ARG A 294 -10.77 10.73 34.41
CA ARG A 294 -9.34 11.12 34.26
C ARG A 294 -8.76 10.68 32.90
N GLY A 295 -9.58 10.12 32.01
CA GLY A 295 -9.14 9.74 30.67
C GLY A 295 -8.42 8.42 30.66
N ASN A 296 -8.63 7.56 31.67
CA ASN A 296 -8.05 6.20 31.60
C ASN A 296 -9.04 5.27 30.89
N VAL A 297 -8.55 4.40 30.03
CA VAL A 297 -9.43 3.40 29.37
C VAL A 297 -9.83 2.36 30.42
N ILE A 298 -11.14 2.19 30.63
CA ILE A 298 -11.74 1.18 31.53
C ILE A 298 -12.00 -0.10 30.75
N SER A 299 -12.44 0.03 29.51
CA SER A 299 -12.72 -1.16 28.67
C SER A 299 -12.56 -0.77 27.22
N SER A 300 -12.31 -1.78 26.42
CA SER A 300 -12.35 -1.60 24.96
C SER A 300 -12.83 -2.89 24.34
N HIS A 301 -13.66 -2.78 23.30
CA HIS A 301 -14.13 -3.96 22.59
C HIS A 301 -14.62 -3.53 21.21
N GLY A 302 -14.62 -4.50 20.30
CA GLY A 302 -15.20 -4.24 19.00
C GLY A 302 -14.80 -5.31 18.02
N ASN A 303 -14.88 -4.91 16.76
CA ASN A 303 -14.49 -5.78 15.64
C ASN A 303 -14.65 -4.98 14.37
N PRO A 304 -13.81 -5.23 13.36
CA PRO A 304 -14.13 -4.68 12.03
C PRO A 304 -15.43 -5.26 11.52
N ILE A 305 -16.10 -4.44 10.74
CA ILE A 305 -17.38 -4.82 10.08
C ILE A 305 -17.10 -5.06 8.61
N LEU A 306 -17.38 -6.27 8.16
CA LEU A 306 -17.26 -6.61 6.75
C LEU A 306 -18.30 -5.84 5.95
N LEU A 307 -17.86 -5.04 5.01
CA LEU A 307 -18.79 -4.21 4.20
C LEU A 307 -19.26 -5.03 2.99
N ASP A 308 -20.11 -6.01 3.25
CA ASP A 308 -20.59 -6.93 2.20
C ASP A 308 -21.88 -6.40 1.61
N SER A 309 -22.43 -7.16 0.66
CA SER A 309 -23.56 -6.66 -0.15
CA SER A 309 -23.57 -6.69 -0.15
C SER A 309 -24.86 -6.58 0.64
N SER A 310 -24.90 -7.10 1.85
CA SER A 310 -26.09 -6.92 2.72
C SER A 310 -26.25 -5.46 3.16
N ILE A 311 -25.20 -4.66 3.01
CA ILE A 311 -25.28 -3.22 3.31
C ILE A 311 -25.47 -2.51 1.99
N PRO A 312 -26.52 -1.72 1.82
CA PRO A 312 -26.74 -1.07 0.54
C PRO A 312 -25.74 0.07 0.31
N GLU A 313 -25.37 0.24 -0.96
CA GLU A 313 -24.61 1.44 -1.35
C GLU A 313 -25.52 2.65 -1.23
N ASP A 314 -25.03 3.71 -0.57
CA ASP A 314 -25.78 4.98 -0.49
C ASP A 314 -26.13 5.44 -1.89
N PRO A 315 -27.41 5.71 -2.24
CA PRO A 315 -27.68 6.09 -3.61
C PRO A 315 -27.01 7.38 -4.07
N SER A 316 -26.91 8.37 -3.21
CA SER A 316 -26.33 9.68 -3.57
CA SER A 316 -26.33 9.67 -3.64
C SER A 316 -24.82 9.53 -3.80
N ILE A 317 -24.12 8.89 -2.90
CA ILE A 317 -22.69 8.68 -3.13
C ILE A 317 -22.51 7.85 -4.40
N LYS A 318 -23.30 6.79 -4.60
CA LYS A 318 -23.14 5.92 -5.77
C LYS A 318 -23.33 6.74 -7.05
N ALA A 319 -24.32 7.64 -7.09
CA ALA A 319 -24.54 8.45 -8.29
C ALA A 319 -23.37 9.38 -8.52
N ASP A 320 -22.76 9.91 -7.48
CA ASP A 320 -21.59 10.79 -7.67
CA ASP A 320 -21.57 10.78 -7.61
C ASP A 320 -20.41 9.96 -8.17
N ILE A 321 -20.20 8.77 -7.60
CA ILE A 321 -19.17 7.82 -8.09
C ILE A 321 -19.38 7.60 -9.59
N ASN A 322 -20.59 7.34 -10.01
CA ASN A 322 -20.87 7.01 -11.42
C ASN A 322 -20.62 8.23 -12.27
N LYS A 323 -20.88 9.45 -11.78
CA LYS A 323 -20.54 10.65 -12.57
C LYS A 323 -19.00 10.75 -12.70
N TRP A 324 -18.24 10.57 -11.63
CA TRP A 324 -16.77 10.68 -11.67
C TRP A 324 -16.15 9.59 -12.56
N ARG A 325 -16.84 8.45 -12.71
CA ARG A 325 -16.33 7.32 -13.52
C ARG A 325 -16.24 7.73 -15.00
N ILE A 326 -17.01 8.69 -15.48
CA ILE A 326 -16.99 8.97 -16.94
C ILE A 326 -15.57 9.32 -17.36
N LYS A 327 -14.88 10.18 -16.62
CA LYS A 327 -13.51 10.61 -17.00
C LYS A 327 -12.55 9.40 -16.95
N LEU A 328 -12.79 8.42 -16.10
CA LEU A 328 -11.94 7.21 -16.04
C LEU A 328 -12.14 6.37 -17.30
N ASP A 329 -13.41 6.21 -17.71
CA ASP A 329 -13.72 5.46 -18.93
C ASP A 329 -13.00 6.16 -20.09
N ASP A 330 -13.12 7.49 -20.20
CA ASP A 330 -12.51 8.26 -21.33
C ASP A 330 -10.99 8.06 -21.30
N TYR A 331 -10.38 8.13 -20.13
CA TYR A 331 -8.91 8.02 -20.02
C TYR A 331 -8.45 6.63 -20.45
N SER A 332 -9.25 5.63 -20.15
CA SER A 332 -8.87 4.21 -20.32
C SER A 332 -8.56 3.86 -21.77
N THR A 333 -9.07 4.63 -22.73
CA THR A 333 -8.84 4.32 -24.15
C THR A 333 -7.91 5.36 -24.78
N GLN A 334 -7.31 6.26 -24.03
CA GLN A 334 -6.36 7.27 -24.55
C GLN A 334 -4.98 6.64 -24.80
N GLU A 335 -4.26 7.13 -25.77
CA GLU A 335 -2.88 6.68 -25.98
C GLU A 335 -2.00 7.13 -24.82
N LEU A 336 -1.31 6.19 -24.19
CA LEU A 336 -0.30 6.49 -23.17
C LEU A 336 1.06 6.71 -23.78
N GLY A 337 1.35 6.01 -24.86
CA GLY A 337 2.64 5.96 -25.52
C GLY A 337 2.56 5.00 -26.69
N LYS A 338 3.69 4.76 -27.28
CA LYS A 338 3.77 3.85 -28.45
C LYS A 338 4.77 2.76 -28.20
N THR A 339 4.53 1.63 -28.85
CA THR A 339 5.50 0.55 -29.06
C THR A 339 5.77 0.38 -30.55
N ILE A 340 7.02 0.21 -30.89
CA ILE A 340 7.43 -0.15 -32.27
C ILE A 340 7.71 -1.64 -32.40
N VAL A 341 7.56 -2.40 -31.28
CA VAL A 341 7.76 -3.85 -31.26
C VAL A 341 6.46 -4.51 -30.78
N TYR A 342 6.24 -5.74 -31.23
CA TYR A 342 5.19 -6.58 -30.62
C TYR A 342 5.60 -6.78 -29.17
N LEU A 343 4.61 -6.62 -28.30
CA LEU A 343 4.83 -6.85 -26.87
C LEU A 343 4.34 -8.27 -26.55
N ASP A 344 5.28 -9.18 -26.51
CA ASP A 344 4.96 -10.63 -26.44
C ASP A 344 4.74 -10.99 -24.96
N GLY A 345 3.46 -10.93 -24.57
CA GLY A 345 2.93 -11.43 -23.31
C GLY A 345 2.23 -12.75 -23.46
N SER A 346 2.50 -13.51 -24.53
CA SER A 346 1.88 -14.82 -24.73
C SER A 346 2.39 -15.77 -23.63
N SER A 347 1.57 -16.75 -23.24
CA SER A 347 2.04 -17.79 -22.31
C SER A 347 3.08 -18.68 -22.92
N GLN A 348 2.94 -18.93 -24.22
CA GLN A 348 3.88 -19.82 -24.94
C GLN A 348 5.30 -19.23 -24.90
N SER A 349 5.41 -17.91 -24.76
CA SER A 349 6.74 -17.28 -24.53
C SER A 349 7.00 -17.15 -23.01
N CYS A 350 6.15 -16.42 -22.33
CA CYS A 350 6.46 -15.95 -20.96
C CYS A 350 6.45 -17.06 -19.90
N ARG A 351 5.90 -18.23 -20.16
CA ARG A 351 5.98 -19.36 -19.25
C ARG A 351 7.07 -20.34 -19.65
N PHE A 352 7.88 -20.00 -20.65
CA PHE A 352 8.90 -20.91 -21.20
C PHE A 352 10.28 -20.30 -21.32
N ARG A 353 10.35 -18.99 -21.49
CA ARG A 353 11.65 -18.35 -21.78
C ARG A 353 11.52 -16.87 -21.51
N GLU A 354 12.61 -16.14 -21.59
CA GLU A 354 12.58 -14.67 -21.49
C GLU A 354 11.57 -14.14 -22.55
N CYS A 355 10.69 -13.27 -22.19
CA CYS A 355 9.73 -12.64 -23.10
C CYS A 355 9.83 -11.16 -22.94
N ASN A 356 9.67 -10.45 -24.06
CA ASN A 356 9.93 -8.99 -24.01
C ASN A 356 8.88 -8.24 -23.17
N MET A 357 7.66 -8.75 -23.06
CA MET A 357 6.71 -8.12 -22.15
C MET A 357 7.19 -8.22 -20.69
N GLY A 358 7.73 -9.36 -20.31
CA GLY A 358 8.30 -9.52 -18.99
C GLY A 358 9.42 -8.57 -18.72
N ASN A 359 10.29 -8.38 -19.70
CA ASN A 359 11.41 -7.42 -19.53
C ASN A 359 10.84 -6.01 -19.37
N LEU A 360 9.85 -5.63 -20.15
CA LEU A 360 9.25 -4.29 -20.05
C LEU A 360 8.69 -4.08 -18.64
N ILE A 361 7.94 -5.06 -18.17
CA ILE A 361 7.26 -4.87 -16.89
C ILE A 361 8.30 -4.79 -15.76
N CYS A 362 9.27 -5.66 -15.78
CA CYS A 362 10.33 -5.56 -14.77
C CYS A 362 11.11 -4.26 -14.87
N ASP A 363 11.37 -3.77 -16.08
CA ASP A 363 12.07 -2.49 -16.21
C ASP A 363 11.21 -1.35 -15.66
N ALA A 364 9.91 -1.43 -15.88
CA ALA A 364 8.98 -0.43 -15.29
C ALA A 364 8.99 -0.52 -13.77
N MET A 365 9.03 -1.73 -13.22
CA MET A 365 9.07 -1.97 -11.78
C MET A 365 10.32 -1.32 -11.19
N ILE A 366 11.47 -1.53 -11.79
CA ILE A 366 12.70 -0.91 -11.24
CA ILE A 366 12.72 -0.92 -11.29
C ILE A 366 12.62 0.60 -11.37
N ASN A 367 12.18 1.11 -12.53
CA ASN A 367 12.06 2.58 -12.68
C ASN A 367 11.17 3.19 -11.63
N ASN A 368 10.06 2.52 -11.29
CA ASN A 368 9.11 3.03 -10.29
C ASN A 368 9.77 3.15 -8.89
N ASN A 369 10.78 2.34 -8.66
CA ASN A 369 11.46 2.23 -7.37
C ASN A 369 12.77 2.97 -7.34
N LEU A 370 12.98 3.90 -8.26
CA LEU A 370 14.11 4.83 -8.15
C LEU A 370 13.75 5.86 -7.07
N ARG A 371 14.52 5.88 -6.00
CA ARG A 371 14.28 6.74 -4.85
C ARG A 371 15.57 7.49 -4.56
N HIS A 372 15.52 8.49 -3.74
CA HIS A 372 16.73 9.28 -3.39
C HIS A 372 17.79 8.38 -2.72
N ALA A 373 19.03 8.50 -3.16
CA ALA A 373 20.15 7.61 -2.74
C ALA A 373 21.25 8.41 -2.06
N ASP A 374 21.76 7.89 -0.93
CA ASP A 374 23.15 8.05 -0.41
C ASP A 374 24.19 8.20 -1.56
N GLU A 375 25.40 8.51 -1.15
CA GLU A 375 26.60 8.24 -1.95
C GLU A 375 26.89 6.75 -1.80
N MET A 376 26.01 5.96 -1.15
CA MET A 376 26.31 4.55 -0.85
C MET A 376 25.71 3.60 -1.88
N PHE A 377 24.78 4.07 -2.69
CA PHE A 377 24.14 3.24 -3.72
CA PHE A 377 24.05 3.24 -3.67
C PHE A 377 23.69 4.12 -4.87
N TRP A 378 23.72 3.58 -6.07
CA TRP A 378 23.13 4.34 -7.21
C TRP A 378 21.60 4.36 -7.09
N ASN A 379 21.05 3.25 -6.60
CA ASN A 379 19.63 3.14 -6.21
C ASN A 379 19.57 2.04 -5.18
N HIS A 380 18.60 2.12 -4.29
CA HIS A 380 18.51 1.14 -3.20
C HIS A 380 18.10 -0.25 -3.69
N VAL A 381 17.44 -0.32 -4.84
CA VAL A 381 16.99 -1.62 -5.37
C VAL A 381 17.29 -1.68 -6.88
N SER A 382 17.68 -2.88 -7.33
CA SER A 382 18.10 -3.08 -8.73
C SER A 382 17.48 -4.30 -9.38
N MET A 383 16.67 -5.06 -8.63
CA MET A 383 16.28 -6.42 -8.99
C MET A 383 14.78 -6.61 -8.99
N CYS A 384 14.31 -7.44 -9.91
CA CYS A 384 12.88 -7.69 -10.17
C CYS A 384 12.64 -9.13 -10.55
N ILE A 385 11.59 -9.71 -10.02
CA ILE A 385 11.07 -10.99 -10.55
C ILE A 385 9.57 -10.84 -10.73
N LEU A 386 9.08 -11.60 -11.72
CA LEU A 386 7.68 -11.51 -12.14
C LEU A 386 7.26 -12.85 -12.72
N ASN A 387 6.30 -13.48 -12.08
CA ASN A 387 5.87 -14.80 -12.58
C ASN A 387 5.17 -14.68 -13.95
N GLY A 388 5.51 -15.51 -14.88
CA GLY A 388 4.94 -15.49 -16.23
C GLY A 388 3.44 -15.71 -16.23
N GLY A 389 2.94 -16.49 -15.28
CA GLY A 389 1.50 -16.64 -15.13
C GLY A 389 0.78 -15.35 -14.83
N GLY A 390 1.47 -14.32 -14.35
CA GLY A 390 0.89 -13.00 -14.09
C GLY A 390 0.76 -12.13 -15.31
N ILE A 391 1.30 -12.55 -16.43
CA ILE A 391 1.29 -11.78 -17.69
C ILE A 391 0.20 -12.44 -18.54
N ARG A 392 -0.88 -11.70 -18.81
CA ARG A 392 -2.13 -12.36 -19.27
C ARG A 392 -2.49 -12.03 -20.71
N SER A 393 -1.69 -11.20 -21.40
CA SER A 393 -1.98 -10.86 -22.82
C SER A 393 -0.74 -10.27 -23.40
N PRO A 394 -0.59 -10.43 -24.73
CA PRO A 394 0.31 -9.58 -25.50
C PRO A 394 -0.38 -8.26 -25.81
N ILE A 395 0.41 -7.34 -26.37
CA ILE A 395 -0.06 -6.09 -26.97
C ILE A 395 0.51 -5.99 -28.37
N ASP A 396 -0.39 -5.95 -29.35
CA ASP A 396 -0.05 -5.81 -30.78
C ASP A 396 0.36 -4.37 -31.04
N GLU A 397 1.47 -4.20 -31.77
CA GLU A 397 2.02 -2.87 -32.18
C GLU A 397 1.37 -2.30 -33.42
N ARG A 398 0.47 -3.06 -34.05
CA ARG A 398 -0.04 -2.62 -35.36
C ARG A 398 -1.28 -1.72 -35.28
N ASN A 399 -1.65 -1.22 -34.09
N ASN A 399 -1.66 -1.21 -34.12
CA ASN A 399 -2.67 -0.15 -33.85
CA ASN A 399 -2.74 -0.19 -34.03
C ASN A 399 -1.95 1.19 -33.88
C ASN A 399 -2.02 1.16 -33.94
N ASP A 400 -1.16 1.45 -34.93
CA ASP A 400 -0.31 2.67 -35.01
C ASP A 400 0.63 2.73 -33.79
N GLY A 401 1.01 1.59 -33.23
CA GLY A 401 1.88 1.54 -32.06
C GLY A 401 1.20 1.93 -30.76
N THR A 402 -0.06 2.33 -30.78
CA THR A 402 -0.71 2.86 -29.57
C THR A 402 -0.77 1.80 -28.49
N ILE A 403 -0.54 2.25 -27.26
CA ILE A 403 -0.81 1.48 -26.04
C ILE A 403 -1.77 2.30 -25.18
N THR A 404 -2.83 1.66 -24.69
CA THR A 404 -3.81 2.31 -23.81
C THR A 404 -3.80 1.60 -22.44
N TRP A 405 -4.42 2.26 -21.47
CA TRP A 405 -4.61 1.64 -20.14
C TRP A 405 -5.40 0.33 -20.33
N GLU A 406 -6.47 0.34 -21.13
CA GLU A 406 -7.29 -0.87 -21.35
C GLU A 406 -6.39 -2.03 -21.82
N ASN A 407 -5.46 -1.75 -22.72
CA ASN A 407 -4.52 -2.79 -23.18
C ASN A 407 -3.69 -3.32 -22.00
N LEU A 408 -3.17 -2.42 -21.18
CA LEU A 408 -2.38 -2.85 -20.01
C LEU A 408 -3.22 -3.61 -19.00
N ALA A 409 -4.50 -3.27 -18.83
CA ALA A 409 -5.40 -3.99 -17.92
C ALA A 409 -5.61 -5.42 -18.42
N ALA A 410 -5.47 -5.69 -19.72
CA ALA A 410 -5.58 -7.09 -20.22
C ALA A 410 -4.31 -7.85 -19.87
N VAL A 411 -3.19 -7.17 -19.89
CA VAL A 411 -1.90 -7.84 -19.52
C VAL A 411 -1.86 -8.13 -18.00
N LEU A 412 -2.37 -7.21 -17.20
CA LEU A 412 -2.25 -7.19 -15.72
C LEU A 412 -3.64 -6.99 -15.16
N PRO A 413 -4.47 -8.06 -15.11
CA PRO A 413 -5.89 -7.94 -14.81
C PRO A 413 -6.26 -8.18 -13.36
N PHE A 414 -5.30 -8.47 -12.49
CA PHE A 414 -5.61 -9.03 -11.16
C PHE A 414 -5.77 -7.96 -10.08
N GLY A 415 -5.43 -6.70 -10.37
CA GLY A 415 -5.55 -5.64 -9.34
C GLY A 415 -4.48 -5.72 -8.29
N GLY A 416 -3.29 -6.17 -8.62
CA GLY A 416 -2.19 -6.33 -7.65
C GLY A 416 -1.29 -5.10 -7.62
N THR A 417 -0.24 -5.25 -6.87
CA THR A 417 0.78 -4.26 -6.66
C THR A 417 2.15 -4.87 -6.94
N PHE A 418 3.11 -4.00 -7.18
CA PHE A 418 4.52 -4.40 -7.29
C PHE A 418 5.22 -3.91 -6.04
N ASP A 419 5.53 -4.90 -5.18
CA ASP A 419 5.98 -4.67 -3.80
C ASP A 419 7.48 -4.77 -3.70
N LEU A 420 8.00 -4.25 -2.60
CA LEU A 420 9.43 -4.29 -2.22
C LEU A 420 9.62 -5.32 -1.12
N VAL A 421 10.48 -6.30 -1.33
CA VAL A 421 10.82 -7.26 -0.28
C VAL A 421 12.32 -7.32 -0.11
N GLN A 422 12.75 -7.86 1.03
CA GLN A 422 14.16 -8.22 1.27
C GLN A 422 14.24 -9.72 1.40
N LEU A 423 15.09 -10.33 0.57
CA LEU A 423 15.27 -11.80 0.45
C LEU A 423 16.75 -12.16 0.57
N LYS A 424 17.11 -13.11 1.41
CA LYS A 424 18.45 -13.70 1.34
C LYS A 424 18.67 -14.26 -0.05
N GLY A 425 19.93 -14.25 -0.49
CA GLY A 425 20.29 -14.93 -1.75
C GLY A 425 19.82 -16.38 -1.74
N SER A 426 19.99 -17.08 -0.65
CA SER A 426 19.55 -18.50 -0.58
C SER A 426 18.08 -18.62 -0.95
N THR A 427 17.24 -17.71 -0.46
CA THR A 427 15.77 -17.73 -0.73
C THR A 427 15.56 -17.47 -2.22
N LEU A 428 16.27 -16.50 -2.79
CA LEU A 428 16.10 -16.16 -4.22
CA LEU A 428 16.16 -16.18 -4.24
C LEU A 428 16.57 -17.36 -5.07
N LYS A 429 17.67 -18.02 -4.71
CA LYS A 429 18.10 -19.23 -5.43
C LYS A 429 17.00 -20.28 -5.39
N LYS A 430 16.40 -20.52 -4.24
CA LYS A 430 15.30 -21.45 -4.15
C LYS A 430 14.11 -21.02 -5.01
N ALA A 431 13.88 -19.73 -5.12
CA ALA A 431 12.78 -19.26 -5.98
C ALA A 431 13.09 -19.61 -7.45
N PHE A 432 14.33 -19.38 -7.89
CA PHE A 432 14.70 -19.73 -9.28
C PHE A 432 14.68 -21.22 -9.56
N GLU A 433 14.99 -22.03 -8.54
CA GLU A 433 14.82 -23.50 -8.70
C GLU A 433 13.33 -23.78 -8.85
N HIS A 434 12.50 -23.16 -8.05
CA HIS A 434 11.05 -23.41 -8.12
C HIS A 434 10.50 -23.01 -9.50
N SER A 435 11.01 -21.93 -10.07
CA SER A 435 10.67 -21.36 -11.38
C SER A 435 10.68 -22.45 -12.47
N VAL A 436 11.59 -23.41 -12.36
CA VAL A 436 11.77 -24.46 -13.39
C VAL A 436 11.64 -25.87 -12.84
N HIS A 437 11.09 -26.06 -11.63
CA HIS A 437 11.04 -27.40 -10.98
C HIS A 437 10.29 -28.42 -11.84
N ARG A 438 9.27 -27.96 -12.54
CA ARG A 438 8.43 -28.87 -13.35
C ARG A 438 8.33 -28.27 -14.76
N TYR A 439 9.44 -27.67 -15.24
CA TYR A 439 9.47 -26.96 -16.53
C TYR A 439 8.89 -27.83 -17.63
N GLY A 440 8.11 -27.18 -18.47
CA GLY A 440 7.63 -27.78 -19.73
C GLY A 440 6.09 -27.96 -19.80
N GLN A 441 5.41 -27.55 -18.75
CA GLN A 441 3.96 -27.77 -18.57
C GLN A 441 3.19 -26.47 -18.75
N SER A 442 3.85 -25.37 -19.06
CA SER A 442 3.18 -24.04 -19.20
C SER A 442 2.56 -23.65 -17.86
N THR A 443 3.30 -23.80 -16.77
CA THR A 443 2.84 -23.38 -15.46
C THR A 443 3.28 -21.95 -15.14
N GLY A 444 2.59 -21.33 -14.21
CA GLY A 444 2.70 -19.90 -14.02
C GLY A 444 3.97 -19.42 -13.30
N GLU A 445 4.67 -20.31 -12.60
CA GLU A 445 5.77 -19.92 -11.69
C GLU A 445 7.07 -19.54 -12.44
N PHE A 446 7.18 -19.75 -13.77
CA PHE A 446 8.40 -19.40 -14.52
C PHE A 446 8.63 -17.88 -14.37
N LEU A 447 9.84 -17.48 -14.02
CA LEU A 447 10.10 -16.09 -13.67
C LEU A 447 10.73 -15.28 -14.81
N GLN A 448 10.07 -14.17 -15.08
CA GLN A 448 10.66 -13.07 -15.84
C GLN A 448 11.44 -12.19 -14.86
N VAL A 449 12.42 -11.46 -15.37
CA VAL A 449 13.42 -10.84 -14.48
C VAL A 449 13.85 -9.45 -14.96
N GLY A 450 14.39 -8.71 -14.04
CA GLY A 450 15.20 -7.50 -14.32
C GLY A 450 16.30 -7.37 -13.30
N GLY A 451 17.48 -6.98 -13.73
CA GLY A 451 18.64 -6.85 -12.85
C GLY A 451 19.12 -8.18 -12.34
N ILE A 452 18.75 -9.24 -13.02
CA ILE A 452 19.16 -10.64 -12.69
C ILE A 452 19.41 -11.35 -14.02
N HIS A 453 20.52 -12.05 -14.09
CA HIS A 453 20.84 -12.93 -15.22
C HIS A 453 20.92 -14.34 -14.69
N VAL A 454 20.11 -15.23 -15.23
CA VAL A 454 20.03 -16.63 -14.74
C VAL A 454 20.35 -17.54 -15.92
N VAL A 455 20.97 -18.65 -15.62
CA VAL A 455 21.19 -19.71 -16.62
C VAL A 455 20.75 -21.01 -15.95
N TYR A 456 19.85 -21.73 -16.63
CA TYR A 456 19.36 -23.04 -16.20
C TYR A 456 20.03 -24.13 -17.03
N ASP A 457 20.15 -25.29 -16.42
CA ASP A 457 20.45 -26.55 -17.13
C ASP A 457 19.34 -27.51 -16.75
N LEU A 458 18.40 -27.66 -17.67
CA LEU A 458 17.20 -28.48 -17.40
C LEU A 458 17.51 -29.97 -17.44
N SER A 459 18.71 -30.39 -17.82
CA SER A 459 19.12 -31.82 -17.72
C SER A 459 19.40 -32.19 -16.25
N ARG A 460 19.59 -31.22 -15.38
CA ARG A 460 19.86 -31.50 -13.94
C ARG A 460 18.55 -31.84 -13.22
N LYS A 461 18.68 -32.37 -12.00
CA LYS A 461 17.53 -32.73 -11.13
C LYS A 461 16.77 -31.47 -10.77
N PRO A 462 15.44 -31.51 -10.66
CA PRO A 462 14.71 -30.43 -10.00
C PRO A 462 15.39 -30.07 -8.67
N GLY A 463 15.51 -28.77 -8.39
CA GLY A 463 16.15 -28.18 -7.21
C GLY A 463 17.61 -27.90 -7.47
N ASP A 464 18.16 -28.39 -8.59
CA ASP A 464 19.60 -28.21 -8.88
C ASP A 464 19.83 -27.78 -10.34
N ARG A 465 18.88 -27.05 -10.90
CA ARG A 465 18.88 -26.62 -12.31
C ARG A 465 19.50 -25.23 -12.50
N VAL A 466 19.61 -24.42 -11.46
CA VAL A 466 20.24 -23.09 -11.63
C VAL A 466 21.75 -23.27 -11.65
N VAL A 467 22.39 -22.92 -12.74
CA VAL A 467 23.83 -23.10 -12.90
C VAL A 467 24.57 -21.77 -12.88
N LYS A 468 23.88 -20.66 -13.06
CA LYS A 468 24.50 -19.34 -12.92
C LYS A 468 23.40 -18.41 -12.47
N LEU A 469 23.73 -17.51 -11.55
CA LEU A 469 22.77 -16.51 -11.07
C LEU A 469 23.56 -15.27 -10.69
N ASP A 470 23.45 -14.22 -11.48
CA ASP A 470 24.18 -12.99 -11.26
C ASP A 470 23.16 -11.90 -11.08
N VAL A 471 23.51 -10.91 -10.28
CA VAL A 471 22.59 -9.86 -9.86
C VAL A 471 23.26 -8.50 -9.99
N LEU A 472 22.48 -7.49 -10.32
CA LEU A 472 22.99 -6.13 -10.52
C LEU A 472 23.28 -5.53 -9.16
N CYS A 473 24.46 -4.99 -8.99
CA CYS A 473 24.84 -4.33 -7.74
C CYS A 473 23.98 -3.10 -7.48
N THR A 474 23.83 -2.78 -6.18
CA THR A 474 23.27 -1.50 -5.72
C THR A 474 24.34 -0.61 -5.09
N SER A 475 25.19 -1.18 -4.26
CA SER A 475 26.26 -0.44 -3.55
C SER A 475 27.47 -0.33 -4.47
N CYS A 476 27.26 0.49 -5.47
CA CYS A 476 28.24 0.61 -6.58
C CYS A 476 27.83 1.88 -7.32
N ARG A 477 28.82 2.58 -7.85
CA ARG A 477 28.58 3.79 -8.66
C ARG A 477 28.31 3.44 -10.12
N VAL A 478 28.86 2.30 -10.58
CA VAL A 478 28.60 1.81 -11.95
C VAL A 478 27.87 0.49 -11.76
N PRO A 479 26.57 0.40 -12.17
CA PRO A 479 25.87 -0.88 -12.02
C PRO A 479 26.51 -1.96 -12.88
N SER A 480 26.77 -3.10 -12.27
CA SER A 480 27.36 -4.26 -12.94
C SER A 480 26.90 -5.51 -12.24
N TYR A 481 27.06 -6.65 -12.87
CA TYR A 481 26.54 -7.94 -12.32
C TYR A 481 27.64 -8.67 -11.58
N ASP A 482 27.23 -9.26 -10.44
CA ASP A 482 28.07 -10.09 -9.57
C ASP A 482 27.33 -11.39 -9.31
N PRO A 483 28.07 -12.46 -9.00
CA PRO A 483 27.36 -13.67 -8.56
C PRO A 483 26.52 -13.39 -7.33
N LEU A 484 25.36 -14.01 -7.30
CA LEU A 484 24.51 -13.97 -6.10
CA LEU A 484 24.48 -14.03 -6.13
C LEU A 484 25.22 -14.65 -4.94
N LYS A 485 25.10 -14.04 -3.76
CA LYS A 485 25.70 -14.56 -2.50
C LYS A 485 24.55 -15.10 -1.65
N MET A 486 24.78 -16.27 -1.07
CA MET A 486 23.69 -16.98 -0.38
C MET A 486 23.24 -16.22 0.89
N ASP A 487 24.17 -15.58 1.59
CA ASP A 487 23.85 -14.97 2.89
C ASP A 487 23.49 -13.49 2.77
N GLU A 488 23.72 -12.92 1.61
CA GLU A 488 23.43 -11.49 1.44
C GLU A 488 21.91 -11.29 1.29
N VAL A 489 21.41 -10.20 1.80
CA VAL A 489 19.99 -9.86 1.73
C VAL A 489 19.86 -8.85 0.58
N TYR A 490 19.01 -9.19 -0.38
CA TYR A 490 18.74 -8.37 -1.57
C TYR A 490 17.36 -7.77 -1.52
N LYS A 491 17.26 -6.49 -1.89
CA LYS A 491 15.96 -5.91 -2.20
C LYS A 491 15.50 -6.40 -3.57
N VAL A 492 14.23 -6.75 -3.66
CA VAL A 492 13.63 -7.28 -4.90
C VAL A 492 12.26 -6.69 -5.04
N ILE A 493 11.93 -6.23 -6.25
CA ILE A 493 10.54 -5.79 -6.56
CA ILE A 493 10.54 -5.80 -6.55
C ILE A 493 9.84 -7.00 -7.17
N LEU A 494 8.64 -7.29 -6.71
CA LEU A 494 7.88 -8.47 -7.19
C LEU A 494 6.40 -8.28 -6.93
N PRO A 495 5.54 -9.02 -7.63
CA PRO A 495 4.11 -8.86 -7.40
C PRO A 495 3.72 -9.22 -5.96
N ASN A 496 2.73 -8.54 -5.43
CA ASN A 496 2.17 -8.96 -4.12
C ASN A 496 1.80 -10.45 -4.16
N PHE A 497 1.32 -10.93 -5.30
CA PHE A 497 0.91 -12.34 -5.42
C PHE A 497 2.07 -13.26 -5.01
N LEU A 498 3.33 -12.91 -5.42
CA LEU A 498 4.48 -13.72 -5.08
C LEU A 498 4.97 -13.46 -3.64
N ALA A 499 4.92 -12.22 -3.17
CA ALA A 499 5.28 -11.92 -1.77
C ALA A 499 4.40 -12.74 -0.82
N ASN A 500 3.17 -12.99 -1.21
CA ASN A 500 2.21 -13.77 -0.39
C ASN A 500 2.31 -15.27 -0.64
N GLY A 501 3.31 -15.73 -1.40
CA GLY A 501 3.55 -17.16 -1.60
C GLY A 501 2.72 -17.78 -2.69
N GLY A 502 2.17 -16.97 -3.60
CA GLY A 502 1.42 -17.49 -4.73
C GLY A 502 2.28 -18.33 -5.67
N ASP A 503 1.61 -19.17 -6.48
CA ASP A 503 2.31 -20.04 -7.46
C ASP A 503 3.36 -20.90 -6.77
N GLY A 504 3.14 -21.27 -5.53
CA GLY A 504 4.03 -22.21 -4.85
C GLY A 504 5.32 -21.58 -4.33
N PHE A 505 5.43 -20.25 -4.35
CA PHE A 505 6.65 -19.58 -3.82
C PHE A 505 6.53 -19.43 -2.30
N GLN A 506 6.36 -20.55 -1.62
CA GLN A 506 6.23 -20.52 -0.15
C GLN A 506 7.50 -19.99 0.50
N MET A 507 8.65 -20.27 -0.09
CA MET A 507 9.94 -19.84 0.47
C MET A 507 9.99 -18.30 0.53
N ILE A 508 9.39 -17.59 -0.44
CA ILE A 508 9.38 -16.13 -0.40
C ILE A 508 8.58 -15.66 0.83
N LYS A 509 7.37 -16.14 0.97
CA LYS A 509 6.50 -15.75 2.09
C LYS A 509 7.21 -16.07 3.43
N ASP A 510 7.76 -17.26 3.53
CA ASP A 510 8.22 -17.78 4.83
C ASP A 510 9.59 -17.24 5.20
N GLU A 511 10.38 -16.81 4.20
CA GLU A 511 11.80 -16.42 4.51
C GLU A 511 12.08 -14.93 4.29
N LEU A 512 11.16 -14.17 3.76
CA LEU A 512 11.48 -12.76 3.51
C LEU A 512 11.67 -12.04 4.86
N LEU A 513 12.49 -11.02 4.80
CA LEU A 513 12.90 -10.26 6.00
CA LEU A 513 12.93 -10.21 5.95
C LEU A 513 12.12 -8.94 6.09
N ARG A 514 11.59 -8.44 4.99
CA ARG A 514 10.85 -7.18 4.94
C ARG A 514 9.89 -7.29 3.78
N HIS A 515 8.73 -6.67 3.90
CA HIS A 515 7.72 -6.56 2.84
C HIS A 515 6.99 -5.25 3.00
N ASP A 516 6.92 -4.47 1.94
CA ASP A 516 6.14 -3.20 1.93
C ASP A 516 5.38 -3.19 0.62
N SER A 517 4.11 -2.87 0.72
CA SER A 517 3.23 -2.88 -0.47
CA SER A 517 3.18 -2.81 -0.44
C SER A 517 3.57 -1.66 -1.36
N GLY A 518 3.62 -1.93 -2.64
CA GLY A 518 3.95 -0.90 -3.64
C GLY A 518 2.78 -0.43 -4.46
N ASP A 519 3.14 0.13 -5.60
CA ASP A 519 2.18 0.80 -6.47
C ASP A 519 1.34 -0.22 -7.27
N GLN A 520 0.19 0.25 -7.75
CA GLN A 520 -0.70 -0.59 -8.59
C GLN A 520 0.06 -1.07 -9.81
N ASP A 521 -0.05 -2.36 -10.09
CA ASP A 521 0.66 -2.99 -11.23
C ASP A 521 0.43 -2.25 -12.57
N ILE A 522 -0.81 -2.00 -12.97
CA ILE A 522 -1.05 -1.31 -14.23
C ILE A 522 -0.39 0.06 -14.22
N ASN A 523 -0.55 0.79 -13.13
CA ASN A 523 -0.08 2.18 -13.01
C ASN A 523 1.43 2.23 -13.17
N VAL A 524 2.13 1.27 -12.60
CA VAL A 524 3.59 1.23 -12.73
C VAL A 524 3.95 1.16 -14.21
N VAL A 525 3.33 0.28 -14.97
CA VAL A 525 3.71 0.13 -16.38
C VAL A 525 3.22 1.33 -17.18
N SER A 526 2.03 1.84 -16.94
CA SER A 526 1.50 3.02 -17.65
CA SER A 526 1.49 3.04 -17.61
C SER A 526 2.45 4.22 -17.46
N THR A 527 2.91 4.47 -16.24
CA THR A 527 3.80 5.63 -15.99
C THR A 527 5.09 5.46 -16.78
N TYR A 528 5.63 4.26 -16.76
CA TYR A 528 6.89 4.00 -17.46
C TYR A 528 6.71 4.25 -18.96
N ILE A 529 5.67 3.69 -19.54
CA ILE A 529 5.44 3.89 -20.99
C ILE A 529 5.23 5.38 -21.26
N SER A 530 4.45 6.09 -20.43
CA SER A 530 4.24 7.54 -20.66
C SER A 530 5.57 8.28 -20.66
N LYS A 531 6.47 7.94 -19.73
CA LYS A 531 7.80 8.61 -19.60
C LYS A 531 8.64 8.31 -20.83
N MET A 532 8.65 7.05 -21.26
CA MET A 532 9.53 6.61 -22.37
C MET A 532 9.02 7.08 -23.74
N LYS A 533 7.71 7.19 -23.90
CA LYS A 533 7.02 7.74 -25.11
C LYS A 533 7.01 6.68 -26.21
N VAL A 534 8.16 6.12 -26.55
CA VAL A 534 8.30 5.08 -27.59
C VAL A 534 9.14 3.98 -27.00
N ILE A 535 8.62 2.76 -26.92
CA ILE A 535 9.33 1.64 -26.33
C ILE A 535 9.63 0.59 -27.38
N TYR A 536 10.66 -0.17 -27.13
CA TYR A 536 11.15 -1.23 -28.03
C TYR A 536 11.89 -2.29 -27.26
N PRO A 537 11.26 -2.91 -26.21
CA PRO A 537 11.95 -3.91 -25.43
C PRO A 537 12.32 -5.15 -26.25
N ALA A 538 13.53 -5.61 -26.02
CA ALA A 538 14.12 -6.78 -26.65
C ALA A 538 14.17 -7.98 -25.68
N VAL A 539 14.34 -9.15 -26.25
CA VAL A 539 14.81 -10.35 -25.54
C VAL A 539 16.31 -10.33 -25.63
N GLU A 540 17.02 -10.38 -24.53
CA GLU A 540 18.44 -10.02 -24.55
C GLU A 540 19.34 -10.94 -23.77
N GLY A 541 18.86 -12.08 -23.30
CA GLY A 541 19.73 -13.02 -22.59
C GLY A 541 19.72 -12.85 -21.09
N ARG A 542 18.68 -12.27 -20.52
CA ARG A 542 18.53 -12.26 -19.06
C ARG A 542 18.29 -13.67 -18.55
N ILE A 543 17.66 -14.52 -19.36
CA ILE A 543 17.40 -15.92 -19.00
C ILE A 543 17.94 -16.80 -20.12
N LYS A 544 18.83 -17.71 -19.78
CA LYS A 544 19.36 -18.63 -20.77
C LYS A 544 19.24 -20.08 -20.28
N PHE A 545 19.34 -20.98 -21.24
CA PHE A 545 19.32 -22.42 -21.02
C PHE A 545 20.63 -22.97 -21.57
N SER A 546 21.22 -23.89 -20.85
CA SER A 546 22.48 -24.51 -21.30
C SER A 546 22.19 -25.93 -21.75
ZN ZN B . -0.77 0.80 2.11
ZN ZN C . 1.64 2.25 3.71
CA CA D . -5.57 8.94 28.94
C1 GOL E . -21.62 8.97 6.42
O1 GOL E . -20.17 8.93 6.61
C2 GOL E . -22.28 10.24 6.95
O2 GOL E . -22.34 10.07 8.36
C3 GOL E . -21.70 11.60 6.53
O3 GOL E . -22.48 12.66 7.11
C1 GOL F . -15.20 18.68 9.61
C1 GOL F . -14.91 18.34 10.64
O1 GOL F . -13.91 19.33 9.54
O1 GOL F . -13.48 18.44 10.49
C2 GOL F . -15.07 17.17 9.77
C2 GOL F . -15.44 17.20 9.77
O2 GOL F . -15.66 16.79 11.02
O2 GOL F . -16.87 17.08 9.82
C3 GOL F . -15.69 16.37 8.63
C3 GOL F . -14.93 17.38 8.34
O3 GOL F . -14.86 16.24 7.48
O3 GOL F . -14.99 16.20 7.55
N1 U5P G . -2.01 -15.61 -11.20
C2 U5P G . -1.32 -14.44 -10.83
N3 U5P G . -2.00 -13.61 -10.01
C4 U5P G . -3.25 -13.85 -9.44
C5 U5P G . -3.85 -15.12 -9.80
C6 U5P G . -3.22 -15.94 -10.63
O2 U5P G . -0.22 -14.15 -11.28
O4 U5P G . -3.72 -13.05 -8.64
C1' U5P G . -1.36 -16.50 -12.18
C2' U5P G . -0.43 -17.58 -11.62
O2' U5P G . 0.80 -17.58 -12.32
C3' U5P G . -1.24 -18.86 -11.77
C4' U5P G . -1.96 -18.57 -13.07
O3' U5P G . -0.37 -19.99 -11.88
O4' U5P G . -2.36 -17.17 -12.89
C5' U5P G . -3.13 -19.42 -13.46
O5' U5P G . -3.30 -19.18 -14.88
P U5P G . -3.95 -20.23 -15.88
O1P U5P G . -2.95 -21.29 -16.31
O2P U5P G . -4.77 -19.52 -16.89
O3P U5P G . -4.90 -21.01 -15.05
#